data_9IM9
#
_entry.id   9IM9
#
_cell.length_a   121.384
_cell.length_b   121.402
_cell.length_c   160.533
_cell.angle_alpha   90.00
_cell.angle_beta   90.00
_cell.angle_gamma   90.00
#
_symmetry.space_group_name_H-M   'F 2 2 2'
#
loop_
_entity.id
_entity.type
_entity.pdbx_description
1 polymer CTB10
2 non-polymer 'SULFATE ION'
3 non-polymer GLYCEROL
4 non-polymer "(3~{S})-1',1'-bis(chloranyl)-5-methyl-spiro[1~{H}-indole-3,2'-cyclopropane]-2-one"
5 water water
#
_entity_poly.entity_id   1
_entity_poly.type   'polypeptide(L)'
_entity_poly.pdbx_seq_one_letter_code
;MGSIGEPNRLLC(PBF)SIYVTKKPDQSEEDHHNHVSKVNAPMMIPFLKKYGIVRYTVKHNDAYSKPKQAALMAGQPEEN
VLAYDTVFEMIVKDIESIQTMQKDEEFLRTAIPDLFNFADMTRTKGSGTWIEEFTFALEHHHHHH
;
_entity_poly.pdbx_strand_id   A,B
#
# COMPACT_ATOMS: atom_id res chain seq x y z
N ARG A 9 -7.77 -14.41 -8.12
CA ARG A 9 -7.37 -13.04 -7.69
C ARG A 9 -6.96 -13.06 -6.23
N LEU A 10 -5.77 -12.53 -5.96
CA LEU A 10 -5.34 -12.34 -4.58
C LEU A 10 -5.93 -11.05 -4.04
N LEU A 11 -6.07 -11.02 -2.71
CA LEU A 11 -6.61 -9.89 -1.98
C LEU A 11 -5.52 -9.29 -1.07
N CYS A 12 -5.70 -8.02 -0.76
CA CYS A 12 -4.76 -7.29 0.07
C CYS A 12 -5.53 -6.55 1.15
N SER A 14 -4.82 -3.79 3.93
CA SER A 14 -3.86 -2.74 4.23
C SER A 14 -4.29 -2.08 5.53
N ILE A 15 -3.33 -1.86 6.42
CA ILE A 15 -3.57 -1.24 7.72
C ILE A 15 -2.64 -0.03 7.87
N TYR A 16 -3.25 1.14 7.98
CA TYR A 16 -2.57 2.44 8.02
C TYR A 16 -2.49 2.91 9.48
N VAL A 17 -1.28 2.88 10.01
CA VAL A 17 -1.02 3.11 11.40
C VAL A 17 -0.44 4.49 11.68
N THR A 18 -0.99 5.11 12.70
CA THR A 18 -0.45 6.33 13.29
C THR A 18 0.24 5.90 14.58
N LYS A 19 1.48 6.36 14.81
CA LYS A 19 2.18 5.92 16.01
C LYS A 19 1.49 6.36 17.29
N LYS A 20 1.74 5.58 18.35
CA LYS A 20 1.28 5.85 19.69
C LYS A 20 1.69 7.27 20.08
N PRO A 21 0.78 8.04 20.70
CA PRO A 21 1.01 9.46 20.97
C PRO A 21 2.28 9.59 21.79
N ASP A 22 3.14 10.53 21.44
CA ASP A 22 4.32 10.76 22.28
C ASP A 22 5.31 9.58 22.29
N GLN A 23 5.15 8.56 21.44
CA GLN A 23 6.22 7.61 21.21
C GLN A 23 7.14 8.21 20.14
N SER A 24 8.44 8.07 20.36
CA SER A 24 9.44 8.54 19.37
C SER A 24 9.31 7.75 18.06
N GLU A 25 9.68 8.36 16.94
CA GLU A 25 9.71 7.63 15.66
C GLU A 25 10.66 6.43 15.78
N GLU A 26 11.84 6.66 16.34
CA GLU A 26 12.83 5.58 16.49
C GLU A 26 12.21 4.44 17.32
N ASP A 27 11.54 4.79 18.41
CA ASP A 27 11.03 3.73 19.27
C ASP A 27 9.88 2.99 18.57
N HIS A 28 9.09 3.73 17.82
CA HIS A 28 7.99 3.16 17.07
C HIS A 28 8.51 2.16 16.05
N HIS A 29 9.41 2.60 15.17
CA HIS A 29 9.88 1.72 14.09
C HIS A 29 10.70 0.54 14.61
N ASN A 30 11.53 0.73 15.66
CA ASN A 30 12.25 -0.37 16.26
C ASN A 30 11.27 -1.42 16.81
N HIS A 31 10.22 -0.96 17.48
CA HIS A 31 9.23 -1.88 18.04
C HIS A 31 8.57 -2.67 16.90
N VAL A 32 8.15 -1.95 15.85
CA VAL A 32 7.49 -2.58 14.72
C VAL A 32 8.39 -3.61 14.07
N SER A 33 9.63 -3.26 13.76
CA SER A 33 10.55 -4.13 13.05
C SER A 33 11.08 -5.27 13.90
N LYS A 34 11.39 -5.00 15.17
CA LYS A 34 12.18 -5.92 15.96
C LYS A 34 11.29 -6.81 16.85
N VAL A 35 10.09 -6.34 17.20
CA VAL A 35 9.22 -7.05 18.14
C VAL A 35 7.93 -7.48 17.46
N ASN A 36 7.18 -6.56 16.86
CA ASN A 36 5.90 -6.93 16.27
C ASN A 36 6.08 -7.95 15.15
N ALA A 37 7.06 -7.73 14.26
CA ALA A 37 7.25 -8.59 13.11
C ALA A 37 7.49 -10.04 13.51
N PRO A 38 8.47 -10.39 14.38
CA PRO A 38 8.63 -11.77 14.80
C PRO A 38 7.41 -12.35 15.51
N MET A 39 6.64 -11.49 16.17
CA MET A 39 5.41 -11.96 16.86
C MET A 39 4.36 -12.33 15.82
N MET A 40 4.31 -11.61 14.71
CA MET A 40 3.28 -11.83 13.67
C MET A 40 3.65 -12.97 12.69
N ILE A 41 4.94 -13.14 12.39
CA ILE A 41 5.31 -14.09 11.33
C ILE A 41 4.72 -15.49 11.51
N PRO A 42 4.76 -16.08 12.71
CA PRO A 42 4.19 -17.41 12.92
C PRO A 42 2.72 -17.52 12.59
N PHE A 43 1.96 -16.46 12.90
CA PHE A 43 0.55 -16.43 12.61
C PHE A 43 0.31 -16.33 11.12
N LEU A 44 1.08 -15.44 10.46
CA LEU A 44 0.96 -15.27 9.04
C LEU A 44 1.26 -16.58 8.29
N LYS A 45 2.28 -17.30 8.71
CA LYS A 45 2.61 -18.61 8.14
C LYS A 45 1.46 -19.61 8.35
N LYS A 46 1.00 -19.69 9.59
CA LYS A 46 -0.01 -20.66 9.98
C LYS A 46 -1.26 -20.47 9.15
N TYR A 47 -1.69 -19.21 8.96
CA TYR A 47 -2.96 -18.90 8.34
C TYR A 47 -2.83 -18.68 6.84
N GLY A 48 -1.65 -18.93 6.26
CA GLY A 48 -1.56 -19.00 4.79
C GLY A 48 -1.45 -17.65 4.10
N ILE A 49 -1.01 -16.60 4.81
CA ILE A 49 -0.73 -15.34 4.18
C ILE A 49 0.41 -15.58 3.19
N VAL A 50 0.27 -14.98 2.01
CA VAL A 50 1.18 -15.19 0.89
C VAL A 50 2.34 -14.19 0.97
N ARG A 51 2.06 -12.94 1.36
CA ARG A 51 3.08 -11.91 1.43
C ARG A 51 2.68 -10.92 2.51
N TYR A 52 3.67 -10.46 3.25
CA TYR A 52 3.47 -9.43 4.27
C TYR A 52 4.53 -8.35 4.08
N THR A 53 4.06 -7.12 3.95
CA THR A 53 4.94 -5.98 3.70
C THR A 53 4.71 -4.93 4.78
N VAL A 54 5.81 -4.38 5.29
CA VAL A 54 5.73 -3.31 6.33
C VAL A 54 6.42 -2.07 5.74
N LYS A 55 5.66 -0.99 5.60
CA LYS A 55 6.19 0.24 4.98
C LYS A 55 6.41 1.29 6.08
N HIS A 56 7.60 1.86 6.12
CA HIS A 56 7.97 2.84 7.18
C HIS A 56 8.13 4.25 6.61
N ASN A 57 7.55 5.23 7.28
CA ASN A 57 7.66 6.64 6.93
C ASN A 57 8.38 7.36 8.06
N ASP A 58 9.72 7.40 7.93
CA ASP A 58 10.54 7.94 9.00
C ASP A 58 11.69 8.79 8.46
N ALA A 59 12.69 9.07 9.33
CA ALA A 59 13.75 10.00 8.96
C ALA A 59 14.58 9.47 7.81
N TYR A 60 14.68 8.15 7.65
CA TYR A 60 15.39 7.52 6.56
C TYR A 60 14.70 7.75 5.20
N SER A 61 13.41 7.48 5.14
CA SER A 61 12.62 7.57 3.92
C SER A 61 12.20 9.00 3.55
N LYS A 62 12.05 9.90 4.53
CA LYS A 62 11.41 11.19 4.33
C LYS A 62 12.10 12.03 3.23
N PRO A 63 13.45 12.08 3.12
CA PRO A 63 14.08 12.83 2.00
C PRO A 63 13.78 12.22 0.63
N LYS A 64 13.56 10.90 0.60
CA LYS A 64 13.26 10.15 -0.61
C LYS A 64 11.82 10.48 -1.02
N GLN A 65 10.90 10.44 -0.05
CA GLN A 65 9.54 10.89 -0.29
C GLN A 65 9.46 12.35 -0.76
N ALA A 66 10.23 13.24 -0.12
CA ALA A 66 10.21 14.66 -0.49
C ALA A 66 10.68 14.83 -1.94
N ALA A 67 11.62 14.02 -2.39
CA ALA A 67 12.11 14.07 -3.76
C ALA A 67 11.04 13.55 -4.71
N LEU A 68 10.43 12.40 -4.40
CA LEU A 68 9.38 11.82 -5.26
C LEU A 68 8.18 12.75 -5.36
N MET A 69 7.85 13.47 -4.28
CA MET A 69 6.64 14.26 -4.21
C MET A 69 6.95 15.73 -4.45
N ALA A 70 8.12 16.06 -5.03
CA ALA A 70 8.51 17.44 -5.25
C ALA A 70 7.47 18.10 -6.16
N GLY A 71 7.02 19.26 -5.77
CA GLY A 71 6.04 19.97 -6.56
C GLY A 71 4.61 19.59 -6.21
N GLN A 72 4.44 18.57 -5.34
CA GLN A 72 3.10 18.26 -4.86
C GLN A 72 2.75 19.07 -3.63
N PRO A 73 1.46 19.45 -3.47
CA PRO A 73 0.98 20.02 -2.21
C PRO A 73 1.17 19.06 -1.03
N GLU A 74 1.53 19.61 0.13
CA GLU A 74 1.86 18.82 1.31
C GLU A 74 0.67 17.92 1.71
N GLU A 75 -0.54 18.41 1.49
CA GLU A 75 -1.73 17.66 1.86
C GLU A 75 -1.86 16.39 1.00
N ASN A 76 -1.16 16.32 -0.16
CA ASN A 76 -1.27 15.12 -1.00
C ASN A 76 -0.25 14.05 -0.66
N VAL A 77 0.54 14.28 0.40
CA VAL A 77 1.45 13.30 0.90
C VAL A 77 0.77 12.54 2.07
N LEU A 78 0.75 11.21 2.01
CA LEU A 78 0.26 10.38 3.15
C LEU A 78 1.14 10.45 4.39
N ALA A 79 0.48 10.53 5.55
CA ALA A 79 1.23 10.84 6.77
C ALA A 79 1.48 9.61 7.62
N TYR A 80 1.05 8.41 7.17
CA TYR A 80 1.02 7.35 8.17
C TYR A 80 2.45 6.95 8.58
N ASP A 81 2.66 6.63 9.86
CA ASP A 81 3.98 6.20 10.31
C ASP A 81 4.35 4.83 9.76
N THR A 82 3.41 3.86 9.81
CA THR A 82 3.65 2.52 9.34
C THR A 82 2.42 2.05 8.56
N VAL A 83 2.67 1.29 7.51
CA VAL A 83 1.58 0.65 6.76
C VAL A 83 1.91 -0.81 6.64
N PHE A 84 0.93 -1.68 7.00
CA PHE A 84 1.13 -3.10 6.90
C PHE A 84 0.20 -3.60 5.78
N GLU A 85 0.72 -4.50 4.96
CA GLU A 85 -0.10 -5.13 3.92
C GLU A 85 0.02 -6.63 3.99
N MET A 86 -1.15 -7.30 4.04
CA MET A 86 -1.20 -8.74 4.03
C MET A 86 -1.94 -9.19 2.76
N ILE A 87 -1.24 -10.00 1.98
CA ILE A 87 -1.79 -10.57 0.76
C ILE A 87 -2.23 -11.99 1.05
N VAL A 88 -3.48 -12.28 0.65
CA VAL A 88 -4.07 -13.57 0.94
C VAL A 88 -4.92 -14.06 -0.23
N LYS A 89 -5.20 -15.36 -0.25
CA LYS A 89 -6.10 -15.96 -1.26
C LYS A 89 -7.56 -15.71 -0.89
N ASP A 90 -7.88 -15.56 0.40
CA ASP A 90 -9.27 -15.41 0.83
C ASP A 90 -9.26 -14.69 2.18
N ILE A 91 -10.25 -13.88 2.42
CA ILE A 91 -10.20 -13.10 3.66
C ILE A 91 -10.48 -13.97 4.89
N GLU A 92 -11.03 -15.19 4.72
CA GLU A 92 -11.21 -16.09 5.86
C GLU A 92 -9.87 -16.41 6.55
N SER A 93 -8.78 -16.42 5.80
CA SER A 93 -7.43 -16.57 6.33
C SER A 93 -7.13 -15.50 7.39
N ILE A 94 -7.47 -14.26 7.07
CA ILE A 94 -7.27 -13.15 8.00
C ILE A 94 -8.22 -13.20 9.18
N GLN A 95 -9.51 -13.41 8.91
CA GLN A 95 -10.47 -13.41 10.01
C GLN A 95 -10.16 -14.56 11.00
N THR A 96 -9.76 -15.72 10.49
CA THR A 96 -9.44 -16.84 11.37
C THR A 96 -8.21 -16.53 12.22
N MET A 97 -7.22 -15.88 11.60
CA MET A 97 -6.01 -15.47 12.32
C MET A 97 -6.39 -14.53 13.48
N GLN A 98 -7.17 -13.51 13.17
CA GLN A 98 -7.55 -12.47 14.10
C GLN A 98 -8.33 -13.03 15.29
N LYS A 99 -9.05 -14.13 15.13
CA LYS A 99 -9.83 -14.66 16.25
C LYS A 99 -9.10 -15.79 16.97
N ASP A 100 -7.90 -16.13 16.50
CA ASP A 100 -7.10 -17.18 17.12
C ASP A 100 -6.83 -16.76 18.57
N GLU A 101 -7.04 -17.66 19.54
CA GLU A 101 -6.98 -17.14 20.92
C GLU A 101 -5.55 -16.69 21.23
N GLU A 102 -4.54 -17.35 20.65
CA GLU A 102 -3.17 -16.88 20.87
C GLU A 102 -2.94 -15.45 20.33
N PHE A 103 -3.48 -15.16 19.14
CA PHE A 103 -3.42 -13.85 18.54
C PHE A 103 -4.00 -12.78 19.48
N LEU A 104 -5.12 -13.10 20.12
CA LEU A 104 -5.84 -12.18 21.01
C LEU A 104 -5.03 -11.80 22.23
N ARG A 105 -4.09 -12.66 22.66
CA ARG A 105 -3.24 -12.36 23.83
C ARG A 105 -1.79 -12.03 23.47
N THR A 106 -1.47 -11.86 22.18
CA THR A 106 -0.12 -11.53 21.77
C THR A 106 -0.16 -10.27 20.88
N ALA A 107 -0.64 -10.42 19.65
CA ALA A 107 -0.65 -9.36 18.65
C ALA A 107 -1.59 -8.22 19.06
N ILE A 108 -2.78 -8.54 19.59
CA ILE A 108 -3.76 -7.49 19.91
C ILE A 108 -3.22 -6.59 21.01
N PRO A 109 -2.76 -7.12 22.16
CA PRO A 109 -2.21 -6.24 23.19
C PRO A 109 -0.99 -5.46 22.70
N ASP A 110 -0.17 -6.09 21.85
CA ASP A 110 1.04 -5.45 21.39
C ASP A 110 0.72 -4.16 20.60
N LEU A 111 -0.45 -4.10 19.93
CA LEU A 111 -0.83 -2.89 19.17
C LEU A 111 -0.73 -1.63 20.03
N PHE A 112 -1.15 -1.75 21.31
CA PHE A 112 -1.22 -0.61 22.21
C PHE A 112 0.19 -0.08 22.54
N ASN A 113 1.22 -0.88 22.28
CA ASN A 113 2.59 -0.47 22.55
C ASN A 113 3.22 0.23 21.34
N PHE A 114 2.50 0.36 20.22
CA PHE A 114 3.08 1.13 19.12
C PHE A 114 2.10 1.98 18.29
N ALA A 115 0.78 1.72 18.31
CA ALA A 115 -0.19 2.38 17.48
C ALA A 115 -1.11 3.25 18.33
N ASP A 116 -1.50 4.38 17.75
CA ASP A 116 -2.58 5.15 18.29
C ASP A 116 -3.87 4.53 17.86
N MET A 117 -4.48 3.79 18.79
CA MET A 117 -5.55 2.89 18.41
C MET A 117 -6.88 3.64 18.19
N THR A 118 -6.86 4.96 18.35
CA THR A 118 -8.05 5.73 18.04
C THR A 118 -8.09 6.11 16.57
N ARG A 119 -7.03 5.87 15.79
CA ARG A 119 -6.86 6.50 14.48
C ARG A 119 -6.55 5.51 13.34
N THR A 120 -6.59 4.19 13.51
CA THR A 120 -6.15 3.30 12.43
C THR A 120 -7.12 3.32 11.25
N LYS A 121 -6.60 3.37 9.99
CA LYS A 121 -7.42 3.23 8.80
C LYS A 121 -7.11 1.92 8.08
N GLY A 122 -8.01 1.45 7.23
CA GLY A 122 -7.72 0.26 6.47
C GLY A 122 -8.41 0.21 5.11
N SER A 123 -8.04 -0.79 4.34
CA SER A 123 -8.70 -1.11 3.09
C SER A 123 -8.55 -2.58 2.79
N GLY A 124 -9.43 -3.05 1.88
CA GLY A 124 -9.35 -4.34 1.27
C GLY A 124 -9.53 -4.25 -0.24
N THR A 125 -8.56 -4.81 -0.97
CA THR A 125 -8.50 -4.61 -2.42
C THR A 125 -8.18 -5.95 -3.04
N TRP A 126 -8.43 -6.09 -4.37
CA TRP A 126 -7.85 -7.19 -5.09
C TRP A 126 -6.67 -6.64 -5.91
N ILE A 127 -5.67 -7.49 -6.13
CA ILE A 127 -4.39 -7.05 -6.62
C ILE A 127 -3.97 -7.77 -7.88
N GLU A 128 -3.08 -7.08 -8.60
CA GLU A 128 -2.25 -7.68 -9.63
C GLU A 128 -0.81 -7.37 -9.24
N GLU A 129 0.05 -8.37 -9.44
CA GLU A 129 1.48 -8.25 -9.08
C GLU A 129 2.38 -8.59 -10.27
N PHE A 130 3.49 -7.87 -10.39
CA PHE A 130 4.48 -8.07 -11.42
C PHE A 130 5.88 -8.01 -10.81
N THR A 131 6.73 -9.00 -11.15
CA THR A 131 8.15 -9.03 -10.78
C THR A 131 8.98 -9.12 -12.06
N PHE A 132 10.28 -8.76 -12.03
CA PHE A 132 11.00 -8.49 -13.28
C PHE A 132 12.30 -9.32 -13.45
N ARG B 9 18.10 -1.52 2.09
CA ARG B 9 16.65 -1.24 2.28
C ARG B 9 16.01 -0.91 0.93
N LEU B 10 14.93 -1.61 0.60
CA LEU B 10 14.13 -1.23 -0.55
C LEU B 10 13.17 -0.12 -0.20
N LEU B 11 12.81 0.60 -1.25
CA LEU B 11 11.88 1.74 -1.09
C LEU B 11 10.59 1.47 -1.87
N CYS B 12 9.53 2.15 -1.46
CA CYS B 12 8.22 1.98 -2.13
C CYS B 12 7.60 3.33 -2.45
N SER B 14 4.21 4.88 -3.51
CA SER B 14 2.79 4.49 -3.53
C SER B 14 1.97 5.64 -4.13
N ILE B 15 1.05 5.28 -5.01
CA ILE B 15 0.23 6.31 -5.68
C ILE B 15 -1.27 6.01 -5.52
N TYR B 16 -1.96 6.94 -4.87
CA TYR B 16 -3.40 6.74 -4.54
C TYR B 16 -4.24 7.48 -5.56
N VAL B 17 -4.95 6.72 -6.36
CA VAL B 17 -5.70 7.26 -7.48
C VAL B 17 -7.20 7.29 -7.22
N THR B 18 -7.77 8.43 -7.56
CA THR B 18 -9.22 8.60 -7.61
C THR B 18 -9.60 8.53 -9.10
N LYS B 19 -10.62 7.72 -9.45
CA LYS B 19 -10.95 7.59 -10.86
C LYS B 19 -11.39 8.91 -11.48
N LYS B 20 -11.23 8.98 -12.80
CA LYS B 20 -11.65 10.10 -13.63
C LYS B 20 -13.13 10.37 -13.39
N PRO B 21 -13.54 11.64 -13.21
CA PRO B 21 -14.90 11.97 -12.83
C PRO B 21 -15.85 11.34 -13.84
N ASP B 22 -16.92 10.71 -13.36
CA ASP B 22 -17.94 10.21 -14.27
C ASP B 22 -17.49 8.98 -15.09
N GLN B 23 -16.22 8.54 -15.01
CA GLN B 23 -15.86 7.25 -15.59
C GLN B 23 -16.43 6.15 -14.71
N SER B 24 -17.03 5.12 -15.33
CA SER B 24 -17.60 4.05 -14.55
C SER B 24 -16.49 3.25 -13.87
N GLU B 25 -16.80 2.55 -12.79
CA GLU B 25 -15.80 1.68 -12.14
C GLU B 25 -15.29 0.61 -13.13
N GLU B 26 -16.19 -0.01 -13.89
CA GLU B 26 -15.80 -1.05 -14.79
C GLU B 26 -14.81 -0.48 -15.83
N ASP B 27 -15.11 0.70 -16.34
CA ASP B 27 -14.28 1.26 -17.40
C ASP B 27 -12.91 1.64 -16.81
N HIS B 28 -12.93 2.16 -15.59
CA HIS B 28 -11.70 2.53 -14.89
C HIS B 28 -10.78 1.35 -14.72
N HIS B 29 -11.27 0.26 -14.08
CA HIS B 29 -10.43 -0.88 -13.79
C HIS B 29 -9.98 -1.64 -15.04
N ASN B 30 -10.85 -1.75 -16.08
CA ASN B 30 -10.46 -2.38 -17.33
C ASN B 30 -9.31 -1.58 -17.97
N HIS B 31 -9.41 -0.27 -17.95
CA HIS B 31 -8.38 0.58 -18.54
C HIS B 31 -7.07 0.35 -17.77
N VAL B 32 -7.14 0.39 -16.43
CA VAL B 32 -5.95 0.22 -15.62
C VAL B 32 -5.30 -1.15 -15.90
N SER B 33 -6.10 -2.21 -15.83
CA SER B 33 -5.57 -3.56 -15.97
C SER B 33 -5.11 -3.91 -17.38
N LYS B 34 -5.88 -3.49 -18.38
CA LYS B 34 -5.71 -4.01 -19.72
C LYS B 34 -4.85 -3.08 -20.60
N VAL B 35 -4.80 -1.79 -20.28
CA VAL B 35 -4.13 -0.79 -21.11
C VAL B 35 -2.96 -0.17 -20.36
N ASN B 36 -3.19 0.41 -19.18
CA ASN B 36 -2.12 1.08 -18.47
C ASN B 36 -1.00 0.09 -18.13
N ALA B 37 -1.36 -1.08 -17.60
CA ALA B 37 -0.36 -2.04 -17.15
C ALA B 37 0.60 -2.44 -18.25
N PRO B 38 0.17 -2.92 -19.44
CA PRO B 38 1.11 -3.24 -20.50
C PRO B 38 1.93 -2.04 -20.98
N MET B 39 1.36 -0.85 -20.85
CA MET B 39 2.10 0.37 -21.25
C MET B 39 3.23 0.64 -20.25
N MET B 40 3.00 0.33 -18.97
CA MET B 40 3.99 0.62 -17.91
C MET B 40 5.07 -0.46 -17.79
N ILE B 41 4.72 -1.73 -18.01
CA ILE B 41 5.66 -2.83 -17.75
C ILE B 41 7.03 -2.64 -18.39
N PRO B 42 7.12 -2.25 -19.68
CA PRO B 42 8.42 -2.05 -20.32
C PRO B 42 9.30 -1.02 -19.64
N PHE B 43 8.66 0.06 -19.15
CA PHE B 43 9.39 1.08 -18.44
C PHE B 43 9.90 0.60 -17.09
N LEU B 44 9.02 -0.12 -16.37
CA LEU B 44 9.37 -0.66 -15.08
C LEU B 44 10.54 -1.63 -15.22
N LYS B 45 10.54 -2.47 -16.23
CA LYS B 45 11.65 -3.39 -16.48
C LYS B 45 12.94 -2.62 -16.80
N LYS B 46 12.83 -1.65 -17.68
CA LYS B 46 13.98 -0.90 -18.16
C LYS B 46 14.66 -0.20 -16.99
N TYR B 47 13.88 0.41 -16.09
CA TYR B 47 14.42 1.26 -15.04
C TYR B 47 14.64 0.48 -13.74
N GLY B 48 14.50 -0.84 -13.76
CA GLY B 48 14.97 -1.66 -12.64
C GLY B 48 14.02 -1.71 -11.44
N ILE B 49 12.73 -1.45 -11.65
CA ILE B 49 11.75 -1.62 -10.62
C ILE B 49 11.71 -3.13 -10.28
N VAL B 50 11.66 -3.42 -8.99
CA VAL B 50 11.76 -4.78 -8.46
C VAL B 50 10.38 -5.41 -8.42
N ARG B 51 9.36 -4.63 -8.03
CA ARG B 51 8.02 -5.16 -7.92
C ARG B 51 7.03 -4.04 -8.18
N TYR B 52 5.95 -4.37 -8.88
CA TYR B 52 4.88 -3.43 -9.15
C TYR B 52 3.55 -4.10 -8.81
N THR B 53 2.79 -3.43 -7.97
CA THR B 53 1.51 -3.96 -7.50
C THR B 53 0.41 -2.96 -7.81
N VAL B 54 -0.72 -3.48 -8.28
CA VAL B 54 -1.90 -2.62 -8.59
C VAL B 54 -3.06 -3.11 -7.71
N LYS B 55 -3.56 -2.25 -6.83
CA LYS B 55 -4.63 -2.65 -5.89
C LYS B 55 -5.94 -2.01 -6.35
N HIS B 56 -6.98 -2.82 -6.49
CA HIS B 56 -8.29 -2.34 -6.98
C HIS B 56 -9.37 -2.35 -5.89
N ASN B 57 -10.11 -1.27 -5.78
CA ASN B 57 -11.23 -1.13 -4.84
C ASN B 57 -12.52 -0.99 -5.65
N ASP B 58 -13.12 -2.15 -5.96
CA ASP B 58 -14.29 -2.18 -6.82
C ASP B 58 -15.36 -3.15 -6.32
N ALA B 59 -16.32 -3.47 -7.20
CA ALA B 59 -17.46 -4.30 -6.79
C ALA B 59 -17.02 -5.68 -6.34
N TYR B 60 -15.93 -6.23 -6.90
CA TYR B 60 -15.42 -7.51 -6.53
C TYR B 60 -14.86 -7.53 -5.11
N SER B 61 -14.02 -6.55 -4.79
CA SER B 61 -13.34 -6.49 -3.50
C SER B 61 -14.21 -5.89 -2.39
N LYS B 62 -15.18 -5.03 -2.68
CA LYS B 62 -15.89 -4.26 -1.69
C LYS B 62 -16.56 -5.13 -0.61
N PRO B 63 -17.22 -6.28 -0.91
CA PRO B 63 -17.78 -7.13 0.15
C PRO B 63 -16.70 -7.72 1.06
N LYS B 64 -15.48 -7.90 0.52
CA LYS B 64 -14.35 -8.44 1.24
C LYS B 64 -13.82 -7.38 2.20
N GLN B 65 -13.67 -6.16 1.67
CA GLN B 65 -13.33 -5.02 2.52
C GLN B 65 -14.35 -4.78 3.63
N ALA B 66 -15.66 -4.87 3.30
CA ALA B 66 -16.73 -4.63 4.29
C ALA B 66 -16.62 -5.67 5.42
N ALA B 67 -16.24 -6.91 5.08
CA ALA B 67 -16.07 -7.95 6.07
C ALA B 67 -14.85 -7.67 6.93
N LEU B 68 -13.70 -7.35 6.32
CA LEU B 68 -12.48 -7.05 7.08
C LEU B 68 -12.67 -5.85 7.99
N MET B 69 -13.44 -4.84 7.54
CA MET B 69 -13.57 -3.59 8.24
C MET B 69 -14.86 -3.56 9.06
N ALA B 70 -15.48 -4.72 9.32
CA ALA B 70 -16.74 -4.78 10.08
C ALA B 70 -16.53 -4.14 11.45
N GLY B 71 -17.42 -3.25 11.83
CA GLY B 71 -17.30 -2.62 13.14
C GLY B 71 -16.42 -1.37 13.11
N GLN B 72 -15.77 -1.09 11.96
CA GLN B 72 -15.02 0.15 11.85
C GLN B 72 -15.91 1.27 11.35
N PRO B 73 -15.67 2.52 11.82
CA PRO B 73 -16.30 3.71 11.24
C PRO B 73 -16.00 3.83 9.75
N GLU B 74 -16.99 4.26 8.97
CA GLU B 74 -16.86 4.32 7.52
C GLU B 74 -15.72 5.26 7.14
N GLU B 75 -15.47 6.29 7.95
CA GLU B 75 -14.43 7.23 7.61
C GLU B 75 -13.04 6.59 7.74
N ASN B 76 -12.96 5.41 8.39
CA ASN B 76 -11.67 4.75 8.56
C ASN B 76 -11.34 3.79 7.45
N VAL B 77 -12.20 3.78 6.43
CA VAL B 77 -11.96 2.94 5.24
C VAL B 77 -11.39 3.82 4.13
N LEU B 78 -10.26 3.42 3.53
CA LEU B 78 -9.65 4.18 2.40
C LEU B 78 -10.55 4.07 1.17
N ALA B 79 -10.72 5.16 0.45
CA ALA B 79 -11.69 5.11 -0.66
C ALA B 79 -11.02 5.14 -2.03
N TYR B 80 -9.71 4.97 -2.09
CA TYR B 80 -9.14 5.17 -3.42
C TYR B 80 -9.59 4.07 -4.40
N ASP B 81 -9.84 4.44 -5.64
CA ASP B 81 -10.25 3.45 -6.66
C ASP B 81 -9.09 2.49 -6.98
N THR B 82 -7.90 3.05 -7.19
CA THR B 82 -6.72 2.24 -7.53
C THR B 82 -5.50 2.74 -6.77
N VAL B 83 -4.66 1.80 -6.35
CA VAL B 83 -3.40 2.18 -5.65
C VAL B 83 -2.26 1.45 -6.38
N PHE B 84 -1.24 2.20 -6.78
CA PHE B 84 -0.08 1.61 -7.47
C PHE B 84 1.10 1.65 -6.54
N GLU B 85 1.85 0.57 -6.49
CA GLU B 85 3.05 0.55 -5.67
C GLU B 85 4.23 0.06 -6.48
N MET B 86 5.31 0.88 -6.47
CA MET B 86 6.53 0.53 -7.16
C MET B 86 7.66 0.39 -6.12
N ILE B 87 8.26 -0.79 -6.11
CA ILE B 87 9.35 -1.07 -5.19
C ILE B 87 10.65 -0.97 -5.96
N VAL B 88 11.57 -0.18 -5.38
CA VAL B 88 12.83 0.08 -6.05
C VAL B 88 14.00 0.06 -5.06
N LYS B 89 15.23 -0.11 -5.59
CA LYS B 89 16.45 0.01 -4.79
C LYS B 89 16.80 1.46 -4.51
N ASP B 90 16.42 2.40 -5.40
CA ASP B 90 16.79 3.80 -5.23
C ASP B 90 15.76 4.64 -5.98
N ILE B 91 15.47 5.82 -5.48
CA ILE B 91 14.39 6.63 -6.14
C ILE B 91 14.88 7.17 -7.49
N GLU B 92 16.21 7.19 -7.73
CA GLU B 92 16.68 7.65 -9.03
C GLU B 92 16.10 6.80 -10.17
N SER B 93 15.80 5.53 -9.89
CA SER B 93 15.17 4.64 -10.85
C SER B 93 13.82 5.19 -11.29
N ILE B 94 13.04 5.66 -10.33
CA ILE B 94 11.74 6.25 -10.62
C ILE B 94 11.85 7.60 -11.31
N GLN B 95 12.70 8.48 -10.78
CA GLN B 95 12.80 9.80 -11.38
C GLN B 95 13.30 9.72 -12.83
N THR B 96 14.24 8.81 -13.10
CA THR B 96 14.74 8.67 -14.46
C THR B 96 13.62 8.14 -15.38
N MET B 97 12.86 7.17 -14.90
CA MET B 97 11.73 6.66 -15.67
C MET B 97 10.76 7.79 -16.03
N GLN B 98 10.37 8.58 -15.03
CA GLN B 98 9.39 9.64 -15.18
C GLN B 98 9.84 10.71 -16.16
N LYS B 99 11.14 10.94 -16.34
CA LYS B 99 11.59 11.97 -17.27
C LYS B 99 11.97 11.40 -18.63
N ASP B 100 11.85 10.07 -18.80
CA ASP B 100 12.13 9.41 -20.06
C ASP B 100 11.20 10.01 -21.12
N GLU B 101 11.73 10.42 -22.28
CA GLU B 101 10.83 11.17 -23.17
C GLU B 101 9.71 10.26 -23.66
N GLU B 102 9.97 8.96 -23.84
CA GLU B 102 8.90 8.06 -24.21
C GLU B 102 7.78 8.02 -23.17
N PHE B 103 8.16 7.96 -21.89
CA PHE B 103 7.24 7.98 -20.77
C PHE B 103 6.32 9.22 -20.83
N LEU B 104 6.90 10.38 -21.15
CA LEU B 104 6.19 11.65 -21.21
C LEU B 104 5.11 11.68 -22.27
N ARG B 105 5.25 10.87 -23.35
CA ARG B 105 4.24 10.83 -24.41
C ARG B 105 3.40 9.54 -24.43
N THR B 106 3.51 8.70 -23.38
CA THR B 106 2.75 7.47 -23.31
C THR B 106 2.00 7.42 -21.96
N ALA B 107 2.75 7.18 -20.89
CA ALA B 107 2.21 7.00 -19.54
C ALA B 107 1.57 8.28 -19.03
N ILE B 108 2.20 9.44 -19.24
CA ILE B 108 1.68 10.70 -18.70
C ILE B 108 0.34 11.02 -19.33
N PRO B 109 0.20 11.05 -20.67
CA PRO B 109 -1.10 11.35 -21.26
C PRO B 109 -2.15 10.32 -20.87
N ASP B 110 -1.75 9.06 -20.69
CA ASP B 110 -2.69 8.00 -20.41
C ASP B 110 -3.37 8.24 -19.05
N LEU B 111 -2.66 8.91 -18.11
CA LEU B 111 -3.25 9.20 -16.79
C LEU B 111 -4.62 9.89 -16.89
N PHE B 112 -4.74 10.82 -17.87
CA PHE B 112 -5.94 11.63 -18.02
C PHE B 112 -7.13 10.78 -18.49
N ASN B 113 -6.86 9.56 -18.99
CA ASN B 113 -7.91 8.68 -19.44
C ASN B 113 -8.40 7.75 -18.31
N PHE B 114 -7.83 7.85 -17.09
CA PHE B 114 -8.38 7.03 -16.01
C PHE B 114 -8.35 7.67 -14.63
N ALA B 115 -7.54 8.71 -14.37
CA ALA B 115 -7.39 9.29 -13.07
C ALA B 115 -7.97 10.70 -13.04
N ASP B 116 -8.52 11.08 -11.88
CA ASP B 116 -8.84 12.45 -11.62
C ASP B 116 -7.57 13.14 -11.16
N MET B 117 -6.98 13.89 -12.08
CA MET B 117 -5.62 14.34 -11.85
C MET B 117 -5.55 15.56 -10.92
N THR B 118 -6.70 15.99 -10.41
CA THR B 118 -6.71 17.04 -9.41
C THR B 118 -6.52 16.46 -8.01
N ARG B 119 -6.57 15.13 -7.83
CA ARG B 119 -6.73 14.52 -6.50
C ARG B 119 -5.73 13.42 -6.14
N THR B 120 -4.68 13.16 -6.91
CA THR B 120 -3.81 12.01 -6.59
C THR B 120 -3.00 12.27 -5.32
N LYS B 121 -2.88 11.26 -4.42
CA LYS B 121 -2.01 11.32 -3.26
C LYS B 121 -0.85 10.36 -3.42
N GLY B 122 0.23 10.54 -2.66
CA GLY B 122 1.31 9.59 -2.73
C GLY B 122 2.11 9.50 -1.42
N SER B 123 3.02 8.54 -1.41
CA SER B 123 3.98 8.39 -0.33
C SER B 123 5.23 7.71 -0.85
N GLY B 124 6.31 7.88 -0.05
CA GLY B 124 7.53 7.15 -0.20
C GLY B 124 8.01 6.59 1.14
N THR B 125 8.26 5.29 1.15
CA THR B 125 8.51 4.59 2.42
C THR B 125 9.67 3.66 2.17
N TRP B 126 10.27 3.19 3.27
CA TRP B 126 11.25 2.10 3.17
C TRP B 126 10.50 0.85 3.66
N ILE B 127 10.80 -0.29 3.08
CA ILE B 127 9.93 -1.47 3.37
C ILE B 127 10.67 -2.71 3.89
N GLU B 128 9.90 -3.59 4.51
CA GLU B 128 10.40 -4.92 4.90
C GLU B 128 9.40 -5.89 4.26
N GLU B 129 9.90 -6.95 3.64
CA GLU B 129 9.03 -7.92 2.95
C GLU B 129 9.27 -9.33 3.46
N PHE B 130 8.20 -10.11 3.56
CA PHE B 130 8.20 -11.47 4.01
C PHE B 130 7.30 -12.33 3.11
N THR B 131 7.86 -13.47 2.63
CA THR B 131 7.12 -14.42 1.81
C THR B 131 7.17 -15.77 2.52
N PHE B 132 6.14 -16.58 2.23
CA PHE B 132 5.92 -17.85 2.89
C PHE B 132 5.56 -18.88 1.80
#